data_3MKJ
#
_entry.id   3MKJ
#
_cell.length_a   56.690
_cell.length_b   122.800
_cell.length_c   128.040
_cell.angle_alpha   90.00
_cell.angle_beta   90.00
_cell.angle_gamma   90.00
#
_symmetry.space_group_name_H-M   'I 2 2 2'
#
loop_
_entity.id
_entity.type
_entity.pdbx_description
1 polymer 'Methionine gamma-lyase'
2 non-polymer '[5-hydroxy-4-(iminomethyl)-6-methyl-pyridin-3-yl]methyl dihydrogen phosphate'
3 water water
#
_entity_poly.entity_id   1
_entity_poly.type   'polypeptide(L)'
_entity_poly.pdbx_seq_one_letter_code
;MSD(CSO)RTYGFNTQIVHAGQQPDPSTGALSTPIFQTSTFVFDSAEQGAARFALEESGYIYTRLGNPTTDALEKKLAVL
ERGEAGLATASGISAITTTLLTLCQQGDHIVSASAIYG(CSO)THAFLSHSMPKFGINVSFVDAAKPEEIRAAMRPETKV
VYIETPANPTLSLVDIETVAGIAHQQGALLVVDNTFMSPY(CSO)QQPLQLGADIVVHSVTKYINGHGDVIGGIIVGKQE
FIDQARFVGLKDITGG(CSO)MSPFNAWLTLRGVKTLGIRMERHCENALKIARFLEGHPSITRVYYPGLSSHPQYELGQR
QMSLPGGIISFEIAGGLEAGRRMINSVELCLLAVSLGDTETLIQHPASMTHSPVAPEERLKAGITDGLIRLSVGLEDPED
IINDLEHAIRKATF
;
_entity_poly.pdbx_strand_id   A
#
# COMPACT_ATOMS: atom_id res chain seq x y z
N SER A 2 4.43 27.71 13.70
CA SER A 2 3.06 27.24 13.91
C SER A 2 3.02 25.74 14.19
N ASP A 3 1.90 25.11 13.85
CA ASP A 3 1.72 23.68 14.02
C ASP A 3 1.40 23.11 12.64
N ARG A 5 0.08 20.57 11.64
CA ARG A 5 -1.23 19.95 11.45
C ARG A 5 -2.29 20.97 11.04
N THR A 6 -1.92 22.26 11.00
CA THR A 6 -2.88 23.31 10.60
C THR A 6 -2.83 23.72 9.12
N TYR A 7 -1.82 23.27 8.37
CA TYR A 7 -1.67 23.72 6.99
C TYR A 7 -2.38 22.79 6.00
N GLY A 8 -2.57 23.28 4.77
CA GLY A 8 -3.15 22.48 3.70
C GLY A 8 -2.31 21.25 3.44
N PHE A 9 -2.87 20.30 2.69
CA PHE A 9 -2.24 18.98 2.58
C PHE A 9 -0.91 18.99 1.82
N ASN A 10 -0.82 19.77 0.74
CA ASN A 10 0.44 19.91 0.03
C ASN A 10 1.50 20.57 0.90
N THR A 11 1.09 21.55 1.68
CA THR A 11 2.03 22.17 2.61
C THR A 11 2.57 21.17 3.64
N GLN A 12 1.69 20.34 4.19
CA GLN A 12 2.09 19.25 5.08
C GLN A 12 3.03 18.26 4.37
N ILE A 13 2.70 17.88 3.14
CA ILE A 13 3.57 16.96 2.46
C ILE A 13 5.02 17.48 2.46
N VAL A 14 5.18 18.75 2.10
CA VAL A 14 6.49 19.37 2.06
C VAL A 14 7.12 19.53 3.45
N HIS A 15 6.33 20.00 4.42
CA HIS A 15 6.91 20.48 5.65
C HIS A 15 6.75 19.61 6.89
N ALA A 16 5.68 18.84 6.98
CA ALA A 16 5.39 18.13 8.22
C ALA A 16 6.52 17.18 8.64
N GLY A 17 6.87 17.23 9.92
CA GLY A 17 7.88 16.35 10.47
C GLY A 17 9.30 16.87 10.28
N GLN A 18 9.43 17.92 9.47
CA GLN A 18 10.75 18.46 9.12
C GLN A 18 10.91 19.92 9.55
N GLN A 19 12.17 20.30 9.80
CA GLN A 19 12.52 21.68 10.09
C GLN A 19 14.01 21.82 9.86
N PRO A 20 14.47 23.05 9.57
CA PRO A 20 15.90 23.24 9.40
C PRO A 20 16.66 22.72 10.64
N ASP A 21 17.85 22.20 10.44
CA ASP A 21 18.66 21.70 11.55
C ASP A 21 18.99 22.82 12.53
N PRO A 22 18.61 22.65 13.80
CA PRO A 22 18.77 23.71 14.81
C PRO A 22 20.19 24.25 14.88
N SER A 23 21.18 23.36 15.01
CA SER A 23 22.56 23.77 15.22
C SER A 23 23.29 24.33 13.99
N THR A 24 22.91 23.90 12.79
CA THR A 24 23.61 24.34 11.58
C THR A 24 22.75 25.14 10.60
N GLY A 25 21.43 25.03 10.73
CA GLY A 25 20.53 25.66 9.79
C GLY A 25 20.35 24.90 8.50
N ALA A 26 21.00 23.73 8.38
CA ALA A 26 20.83 22.92 7.17
C ALA A 26 19.35 22.65 6.91
N LEU A 27 18.87 22.92 5.69
CA LEU A 27 17.44 22.74 5.42
C LEU A 27 17.07 21.27 5.19
N SER A 28 17.81 20.55 4.34
CA SER A 28 17.57 19.12 4.20
C SER A 28 17.74 18.45 5.56
N THR A 29 16.89 17.48 5.86
CA THR A 29 17.10 16.66 7.06
C THR A 29 18.43 15.96 6.88
N PRO A 30 19.35 16.13 7.84
CA PRO A 30 20.66 15.48 7.78
C PRO A 30 20.47 13.96 7.77
N ILE A 31 21.33 13.24 7.07
CA ILE A 31 21.32 11.78 7.18
C ILE A 31 22.13 11.37 8.40
N PHE A 32 21.42 10.98 9.46
CA PHE A 32 22.07 10.47 10.66
C PHE A 32 22.41 8.99 10.49
N GLN A 33 23.39 8.73 9.62
CA GLN A 33 23.82 7.35 9.36
C GLN A 33 24.76 6.92 10.49
N THR A 34 24.18 6.57 11.62
CA THR A 34 24.94 6.20 12.81
C THR A 34 24.27 5.01 13.47
N SER A 35 25.05 4.23 14.20
CA SER A 35 24.45 3.21 15.05
C SER A 35 24.68 3.56 16.51
N THR A 36 25.54 4.54 16.75
CA THR A 36 26.00 4.87 18.08
C THR A 36 25.58 6.28 18.46
N PHE A 37 25.00 6.42 19.65
CA PHE A 37 24.69 7.75 20.19
C PHE A 37 25.42 7.83 21.51
N VAL A 38 25.93 9.03 21.81
CA VAL A 38 26.81 9.20 22.96
C VAL A 38 26.10 10.00 24.05
N PHE A 39 26.45 9.73 25.30
CA PHE A 39 25.89 10.46 26.43
C PHE A 39 26.93 11.41 27.03
N ASP A 40 26.44 12.52 27.58
CA ASP A 40 27.30 13.54 28.18
C ASP A 40 27.72 13.12 29.58
N SER A 41 26.94 12.21 30.17
CA SER A 41 27.16 11.80 31.56
C SER A 41 26.42 10.52 31.87
N ALA A 42 26.78 9.87 32.98
CA ALA A 42 26.07 8.70 33.47
C ALA A 42 24.60 9.05 33.70
N GLU A 43 24.37 10.18 34.36
CA GLU A 43 23.01 10.63 34.64
C GLU A 43 22.21 10.79 33.35
N GLN A 44 22.81 11.46 32.36
CA GLN A 44 22.15 11.67 31.08
C GLN A 44 21.83 10.35 30.40
N GLY A 45 22.70 9.35 30.61
CA GLY A 45 22.50 8.05 30.02
C GLY A 45 21.38 7.27 30.69
N ALA A 46 21.29 7.37 32.01
CA ALA A 46 20.24 6.70 32.77
C ALA A 46 18.87 7.30 32.44
N ALA A 47 18.81 8.62 32.45
CA ALA A 47 17.56 9.33 32.16
C ALA A 47 16.94 8.81 30.87
N ARG A 48 17.76 8.71 29.82
CA ARG A 48 17.29 8.25 28.52
C ARG A 48 16.64 6.88 28.62
N PHE A 49 17.26 5.99 29.40
CA PHE A 49 16.71 4.66 29.62
C PHE A 49 15.57 4.69 30.64
N LEU A 61 13.23 2.12 16.52
CA LEU A 61 13.65 2.44 17.89
C LEU A 61 13.89 3.93 18.07
N GLY A 62 14.83 4.49 17.32
CA GLY A 62 15.12 5.91 17.42
C GLY A 62 16.29 6.39 16.59
N ASN A 63 16.01 7.38 15.74
CA ASN A 63 17.00 8.03 14.89
C ASN A 63 16.34 9.31 14.37
N PRO A 64 17.06 10.44 14.38
CA PRO A 64 16.41 11.71 14.00
C PRO A 64 15.89 11.74 12.56
N THR A 65 16.60 11.10 11.63
CA THR A 65 16.14 11.08 10.26
C THR A 65 14.81 10.31 10.18
N THR A 66 14.80 9.12 10.75
CA THR A 66 13.64 8.25 10.69
C THR A 66 12.48 8.84 11.47
N ASP A 67 12.79 9.51 12.56
CA ASP A 67 11.75 10.18 13.31
C ASP A 67 11.00 11.22 12.46
N ALA A 68 11.74 11.98 11.66
CA ALA A 68 11.14 12.97 10.78
C ALA A 68 10.17 12.31 9.80
N LEU A 69 10.56 11.18 9.20
CA LEU A 69 9.65 10.46 8.32
C LEU A 69 8.38 9.95 9.02
N GLU A 70 8.56 9.40 10.22
CA GLU A 70 7.45 8.86 11.00
C GLU A 70 6.47 9.97 11.37
N LYS A 71 6.99 11.10 11.83
CA LYS A 71 6.15 12.24 12.17
C LYS A 71 5.40 12.78 10.95
N LYS A 72 6.07 12.79 9.79
CA LYS A 72 5.43 13.30 8.58
C LYS A 72 4.25 12.41 8.20
N LEU A 73 4.50 11.10 8.12
CA LEU A 73 3.44 10.18 7.74
C LEU A 73 2.29 10.16 8.74
N ALA A 74 2.59 10.35 10.03
CA ALA A 74 1.55 10.43 11.04
C ALA A 74 0.63 11.61 10.74
N VAL A 75 1.24 12.76 10.45
CA VAL A 75 0.46 13.93 10.05
C VAL A 75 -0.40 13.67 8.81
N LEU A 76 0.18 13.08 7.76
CA LEU A 76 -0.53 12.85 6.50
C LEU A 76 -1.71 11.88 6.64
N GLU A 77 -1.58 10.87 7.50
CA GLU A 77 -2.67 9.94 7.77
C GLU A 77 -3.60 10.39 8.89
N ARG A 78 -3.29 11.52 9.51
CA ARG A 78 -4.06 12.01 10.66
C ARG A 78 -4.05 11.01 11.82
N GLY A 79 -2.89 10.43 12.10
CA GLY A 79 -2.74 9.54 13.24
C GLY A 79 -1.80 10.16 14.24
N GLU A 80 -1.71 9.57 15.42
CA GLU A 80 -0.89 10.15 16.49
C GLU A 80 0.62 9.95 16.27
N ALA A 81 1.01 8.80 15.73
CA ALA A 81 2.43 8.45 15.69
C ALA A 81 2.72 7.48 14.54
N GLY A 82 3.98 7.48 14.10
CA GLY A 82 4.39 6.63 12.99
C GLY A 82 5.57 5.77 13.40
N LEU A 83 5.77 4.67 12.69
CA LEU A 83 6.88 3.76 12.95
C LEU A 83 7.36 3.22 11.63
N ALA A 84 8.61 3.54 11.27
CA ALA A 84 9.18 3.07 10.00
C ALA A 84 9.74 1.67 10.10
N THR A 85 9.73 0.96 8.97
CA THR A 85 10.18 -0.43 8.98
C THR A 85 11.00 -0.78 7.73
N ALA A 86 11.65 -1.92 7.81
CA ALA A 86 12.57 -2.38 6.79
C ALA A 86 11.84 -2.71 5.49
N SER A 87 10.53 -2.93 5.58
CA SER A 87 9.74 -3.27 4.41
C SER A 87 8.25 -3.19 4.72
N GLY A 88 7.44 -3.12 3.68
CA GLY A 88 6.00 -3.19 3.84
C GLY A 88 5.58 -4.49 4.50
N ILE A 89 6.16 -5.62 4.11
CA ILE A 89 5.82 -6.85 4.83
C ILE A 89 6.14 -6.74 6.34
N SER A 90 7.27 -6.12 6.70
CA SER A 90 7.60 -6.00 8.11
C SER A 90 6.65 -5.02 8.84
N ALA A 91 6.13 -4.02 8.13
CA ALA A 91 5.12 -3.15 8.75
C ALA A 91 3.88 -3.98 9.09
N ILE A 92 3.52 -4.91 8.21
CA ILE A 92 2.34 -5.74 8.44
C ILE A 92 2.58 -6.78 9.53
N THR A 93 3.74 -7.42 9.53
CA THR A 93 3.98 -8.49 10.49
C THR A 93 4.32 -7.95 11.87
N THR A 94 5.08 -6.86 11.92
CA THR A 94 5.40 -6.21 13.19
C THR A 94 4.09 -5.80 13.90
N THR A 95 3.16 -5.26 13.12
CA THR A 95 1.84 -4.88 13.63
C THR A 95 1.08 -6.07 14.19
N LEU A 96 0.91 -7.10 13.36
CA LEU A 96 0.06 -8.21 13.74
C LEU A 96 0.70 -9.12 14.78
N LEU A 97 2.03 -9.25 14.76
CA LEU A 97 2.72 -10.04 15.76
C LEU A 97 2.80 -9.28 17.06
N THR A 98 2.66 -7.96 17.02
CA THR A 98 2.58 -7.17 18.25
C THR A 98 1.22 -7.33 18.93
N LEU A 99 0.16 -7.37 18.12
CA LEU A 99 -1.21 -7.43 18.62
C LEU A 99 -1.65 -8.84 19.03
N CYS A 100 -1.16 -9.86 18.35
CA CYS A 100 -1.69 -11.21 18.52
C CYS A 100 -0.76 -12.22 19.14
N GLN A 101 -1.36 -13.16 19.87
CA GLN A 101 -0.63 -14.28 20.44
C GLN A 101 -1.38 -15.59 20.25
N GLN A 102 -0.71 -16.68 20.58
CA GLN A 102 -1.29 -18.02 20.52
C GLN A 102 -2.74 -18.02 20.99
N GLY A 103 -3.64 -18.56 20.17
CA GLY A 103 -5.05 -18.65 20.51
C GLY A 103 -5.91 -17.51 19.99
N ASP A 104 -5.28 -16.40 19.61
CA ASP A 104 -5.99 -15.26 19.02
C ASP A 104 -6.45 -15.57 17.61
N HIS A 105 -7.34 -14.72 17.09
CA HIS A 105 -7.92 -14.93 15.78
C HIS A 105 -7.91 -13.67 14.92
N ILE A 106 -7.76 -13.82 13.61
CA ILE A 106 -7.81 -12.68 12.71
C ILE A 106 -8.81 -12.94 11.61
N VAL A 107 -9.63 -11.93 11.30
CA VAL A 107 -10.46 -11.99 10.11
C VAL A 107 -9.81 -11.15 9.03
N SER A 108 -9.52 -11.74 7.89
CA SER A 108 -8.82 -11.05 6.81
C SER A 108 -9.54 -11.08 5.47
N ALA A 109 -9.44 -9.99 4.73
CA ALA A 109 -9.82 -9.98 3.32
C ALA A 109 -9.07 -11.08 2.58
N SER A 110 -9.71 -11.66 1.56
CA SER A 110 -9.07 -12.66 0.70
C SER A 110 -8.29 -12.01 -0.43
N ALA A 111 -8.77 -10.85 -0.89
CA ALA A 111 -8.14 -10.16 -2.00
C ALA A 111 -7.04 -9.25 -1.49
N ILE A 112 -5.93 -9.86 -1.09
CA ILE A 112 -4.79 -9.14 -0.54
C ILE A 112 -3.49 -9.53 -1.24
N TYR A 113 -2.44 -8.77 -0.93
CA TYR A 113 -1.11 -9.06 -1.44
C TYR A 113 -0.69 -10.51 -1.11
N GLY A 114 -0.19 -11.22 -2.11
CA GLY A 114 0.13 -12.63 -1.98
C GLY A 114 1.02 -13.00 -0.82
N THR A 116 1.46 -11.30 1.92
CA THR A 116 0.65 -11.13 3.10
C THR A 116 -0.20 -12.40 3.29
N HIS A 117 -0.73 -12.93 2.19
CA HIS A 117 -1.57 -14.12 2.26
C HIS A 117 -0.79 -15.31 2.83
N ALA A 118 0.47 -15.46 2.41
CA ALA A 118 1.33 -16.53 2.89
C ALA A 118 1.62 -16.39 4.39
N PHE A 119 1.90 -15.17 4.83
CA PHE A 119 2.11 -14.94 6.25
C PHE A 119 0.87 -15.34 7.03
N LEU A 120 -0.28 -14.87 6.57
CA LEU A 120 -1.54 -15.13 7.26
C LEU A 120 -1.97 -16.61 7.18
N SER A 121 -1.72 -17.25 6.04
CA SER A 121 -2.21 -18.61 5.89
C SER A 121 -1.28 -19.68 6.45
N HIS A 122 0.02 -19.41 6.49
CA HIS A 122 0.97 -20.44 6.92
C HIS A 122 1.75 -20.10 8.19
N SER A 123 2.32 -18.91 8.23
CA SER A 123 3.09 -18.48 9.40
C SER A 123 2.26 -18.34 10.67
N MET A 124 1.20 -17.55 10.61
CA MET A 124 0.39 -17.30 11.81
C MET A 124 -0.14 -18.56 12.49
N PRO A 125 -0.76 -19.47 11.73
CA PRO A 125 -1.28 -20.69 12.34
C PRO A 125 -0.18 -21.51 13.02
N LYS A 126 1.04 -21.42 12.51
CA LYS A 126 2.13 -22.17 13.14
C LYS A 126 2.54 -21.52 14.46
N PHE A 127 2.04 -20.31 14.71
CA PHE A 127 2.25 -19.68 16.00
C PHE A 127 1.00 -19.70 16.89
N GLY A 128 0.01 -20.51 16.52
CA GLY A 128 -1.20 -20.64 17.30
C GLY A 128 -2.19 -19.53 17.03
N ILE A 129 -2.01 -18.84 15.90
CA ILE A 129 -2.88 -17.72 15.55
C ILE A 129 -3.69 -18.05 14.32
N ASN A 130 -5.00 -18.16 14.49
CA ASN A 130 -5.89 -18.58 13.42
C ASN A 130 -6.40 -17.42 12.60
N VAL A 131 -6.55 -17.65 11.29
CA VAL A 131 -7.03 -16.63 10.38
C VAL A 131 -8.20 -17.13 9.55
N SER A 132 -9.25 -16.32 9.45
CA SER A 132 -10.34 -16.62 8.55
C SER A 132 -10.35 -15.65 7.37
N PHE A 133 -10.36 -16.18 6.16
CA PHE A 133 -10.36 -15.34 4.97
C PHE A 133 -11.78 -15.16 4.47
N VAL A 134 -12.12 -13.93 4.09
CA VAL A 134 -13.47 -13.61 3.66
C VAL A 134 -13.42 -12.62 2.50
N ASP A 135 -14.55 -12.47 1.81
CA ASP A 135 -14.66 -11.47 0.75
C ASP A 135 -15.03 -10.13 1.37
N ALA A 136 -14.03 -9.27 1.58
CA ALA A 136 -14.21 -8.02 2.30
C ALA A 136 -15.08 -7.01 1.55
N ALA A 137 -15.41 -7.31 0.30
CA ALA A 137 -16.35 -6.47 -0.44
C ALA A 137 -17.76 -6.69 0.11
N LYS A 138 -17.90 -7.75 0.91
CA LYS A 138 -19.18 -8.07 1.55
C LYS A 138 -19.04 -7.97 3.07
N PRO A 139 -19.33 -6.80 3.63
CA PRO A 139 -19.11 -6.59 5.07
C PRO A 139 -19.77 -7.66 5.92
N GLU A 140 -20.87 -8.22 5.45
CA GLU A 140 -21.56 -9.26 6.21
C GLU A 140 -20.69 -10.51 6.42
N GLU A 141 -19.86 -10.84 5.43
CA GLU A 141 -18.95 -11.97 5.58
C GLU A 141 -17.94 -11.72 6.69
N ILE A 142 -17.48 -10.47 6.79
CA ILE A 142 -16.62 -10.08 7.90
C ILE A 142 -17.32 -10.30 9.25
N ARG A 143 -18.55 -9.80 9.37
CA ARG A 143 -19.27 -9.97 10.62
C ARG A 143 -19.41 -11.46 10.97
N ALA A 144 -19.82 -12.25 9.99
CA ALA A 144 -20.11 -13.67 10.20
C ALA A 144 -18.89 -14.45 10.70
N ALA A 145 -17.70 -13.97 10.36
CA ALA A 145 -16.48 -14.71 10.66
C ALA A 145 -15.86 -14.31 12.00
N MET A 146 -16.39 -13.27 12.62
CA MET A 146 -15.90 -12.80 13.91
CA MET A 146 -15.85 -12.81 13.89
C MET A 146 -16.10 -13.84 15.00
N ARG A 147 -15.14 -13.94 15.92
CA ARG A 147 -15.22 -14.87 17.04
C ARG A 147 -14.89 -14.15 18.33
N PRO A 148 -15.15 -14.79 19.48
CA PRO A 148 -14.79 -14.14 20.74
C PRO A 148 -13.29 -13.85 20.76
N GLU A 149 -12.51 -14.68 20.08
CA GLU A 149 -11.06 -14.54 20.12
C GLU A 149 -10.50 -13.60 19.05
N THR A 150 -11.36 -13.02 18.23
CA THR A 150 -10.92 -12.14 17.14
C THR A 150 -10.33 -10.83 17.64
N LYS A 151 -9.04 -10.62 17.35
CA LYS A 151 -8.35 -9.43 17.82
C LYS A 151 -8.32 -8.33 16.76
N VAL A 152 -8.34 -8.77 15.50
CA VAL A 152 -8.03 -7.91 14.37
C VAL A 152 -8.84 -8.27 13.14
N VAL A 153 -9.33 -7.23 12.44
CA VAL A 153 -9.84 -7.37 11.10
C VAL A 153 -8.83 -6.70 10.17
N TYR A 154 -8.41 -7.39 9.12
CA TYR A 154 -7.36 -6.88 8.26
C TYR A 154 -7.88 -6.72 6.84
N ILE A 155 -7.74 -5.53 6.27
CA ILE A 155 -8.19 -5.34 4.89
C ILE A 155 -7.23 -4.52 4.04
N GLU A 156 -7.35 -4.69 2.72
CA GLU A 156 -6.60 -3.93 1.73
C GLU A 156 -7.58 -3.28 0.73
N THR A 157 -7.37 -2.02 0.35
CA THR A 157 -8.25 -1.37 -0.61
C THR A 157 -7.71 -0.11 -1.27
N PRO A 158 -7.83 -0.02 -2.61
CA PRO A 158 -8.37 -1.05 -3.50
C PRO A 158 -7.60 -2.36 -3.35
N ALA A 159 -8.27 -3.46 -3.65
CA ALA A 159 -7.65 -4.78 -3.60
C ALA A 159 -7.29 -5.23 -5.00
N ASN A 160 -6.15 -5.88 -5.14
CA ASN A 160 -5.76 -6.41 -6.44
C ASN A 160 -6.27 -7.84 -6.58
N PRO A 161 -6.38 -8.32 -7.83
CA PRO A 161 -5.93 -7.61 -9.03
C PRO A 161 -7.06 -7.02 -9.88
N THR A 162 -8.27 -6.90 -9.32
CA THR A 162 -9.37 -6.32 -10.10
C THR A 162 -9.82 -4.98 -9.50
N LEU A 163 -9.05 -4.48 -8.54
CA LEU A 163 -9.27 -3.17 -7.95
C LEU A 163 -10.66 -3.02 -7.34
N SER A 164 -11.18 -4.12 -6.81
CA SER A 164 -12.41 -4.07 -6.05
C SER A 164 -12.16 -3.26 -4.77
N LEU A 165 -13.22 -2.76 -4.16
CA LEU A 165 -13.07 -1.86 -3.02
C LEU A 165 -13.61 -2.46 -1.74
N VAL A 166 -13.22 -1.87 -0.62
CA VAL A 166 -13.75 -2.24 0.68
C VAL A 166 -14.23 -0.96 1.35
N ASP A 167 -15.42 -1.03 1.95
CA ASP A 167 -16.05 0.11 2.58
C ASP A 167 -15.48 0.21 4.00
N ILE A 168 -14.43 1.01 4.14
CA ILE A 168 -13.66 1.08 5.37
C ILE A 168 -14.51 1.52 6.57
N GLU A 169 -15.29 2.57 6.38
CA GLU A 169 -16.11 3.09 7.47
C GLU A 169 -17.08 2.02 7.98
N THR A 170 -17.68 1.27 7.07
CA THR A 170 -18.62 0.25 7.46
C THR A 170 -17.94 -0.90 8.20
N VAL A 171 -16.80 -1.34 7.66
CA VAL A 171 -16.08 -2.44 8.25
C VAL A 171 -15.55 -2.04 9.62
N ALA A 172 -15.12 -0.79 9.74
CA ALA A 172 -14.64 -0.27 11.03
C ALA A 172 -15.70 -0.36 12.13
N GLY A 173 -16.93 0.06 11.83
CA GLY A 173 -18.02 -0.05 12.79
C GLY A 173 -18.29 -1.48 13.17
N ILE A 174 -18.28 -2.39 12.20
CA ILE A 174 -18.47 -3.80 12.50
C ILE A 174 -17.40 -4.41 13.40
N ALA A 175 -16.13 -4.14 13.08
CA ALA A 175 -15.03 -4.66 13.89
C ALA A 175 -15.14 -4.10 15.31
N HIS A 176 -15.36 -2.81 15.40
CA HIS A 176 -15.40 -2.16 16.73
C HIS A 176 -16.53 -2.68 17.59
N GLN A 177 -17.72 -2.80 17.02
CA GLN A 177 -18.85 -3.36 17.77
C GLN A 177 -18.51 -4.71 18.39
N GLN A 178 -17.70 -5.52 17.70
CA GLN A 178 -17.32 -6.82 18.23
C GLN A 178 -15.96 -6.81 18.97
N GLY A 179 -15.46 -5.63 19.29
CA GLY A 179 -14.27 -5.49 20.12
C GLY A 179 -12.93 -5.75 19.43
N ALA A 180 -12.91 -5.75 18.10
CA ALA A 180 -11.68 -5.93 17.35
C ALA A 180 -11.14 -4.60 16.82
N LEU A 181 -9.85 -4.60 16.45
CA LEU A 181 -9.23 -3.45 15.80
C LEU A 181 -9.32 -3.61 14.30
N LEU A 182 -9.39 -2.50 13.57
CA LEU A 182 -9.30 -2.57 12.11
C LEU A 182 -7.92 -2.12 11.63
N VAL A 183 -7.25 -2.96 10.86
CA VAL A 183 -5.96 -2.63 10.28
C VAL A 183 -6.15 -2.54 8.77
N VAL A 184 -5.71 -1.42 8.18
CA VAL A 184 -5.87 -1.21 6.74
C VAL A 184 -4.53 -1.00 6.04
N ASP A 185 -4.27 -1.79 5.00
CA ASP A 185 -3.14 -1.57 4.11
C ASP A 185 -3.51 -0.56 3.04
N ASN A 186 -2.93 0.64 3.14
CA ASN A 186 -3.27 1.80 2.33
C ASN A 186 -2.23 2.05 1.24
N THR A 187 -1.44 1.02 0.93
CA THR A 187 -0.32 1.15 -0.01
C THR A 187 -0.71 1.73 -1.37
N PHE A 188 -1.76 1.17 -1.97
CA PHE A 188 -2.11 1.56 -3.34
C PHE A 188 -2.71 2.94 -3.49
N MET A 189 -3.17 3.51 -2.38
CA MET A 189 -3.78 4.84 -2.40
C MET A 189 -2.83 5.96 -2.02
N SER A 190 -2.03 5.71 -0.99
CA SER A 190 -1.25 6.73 -0.32
C SER A 190 -2.18 7.65 0.49
N PRO A 191 -1.62 8.33 1.48
CA PRO A 191 -2.41 9.27 2.28
C PRO A 191 -3.04 10.38 1.44
N TYR A 192 -2.50 10.63 0.25
CA TYR A 192 -3.03 11.69 -0.62
C TYR A 192 -4.40 11.31 -1.20
N GLN A 194 -6.46 8.52 0.11
CA GLN A 194 -7.32 7.84 1.08
C GLN A 194 -6.73 7.94 2.49
N GLN A 195 -7.57 8.22 3.48
CA GLN A 195 -7.10 8.27 4.86
C GLN A 195 -7.94 7.37 5.76
N PRO A 196 -7.55 6.09 5.84
CA PRO A 196 -8.36 5.11 6.57
C PRO A 196 -8.64 5.50 8.01
N LEU A 197 -7.70 6.14 8.69
CA LEU A 197 -7.93 6.49 10.10
C LEU A 197 -9.06 7.49 10.25
N GLN A 198 -9.26 8.33 9.24
CA GLN A 198 -10.37 9.30 9.31
C GLN A 198 -11.70 8.58 9.11
N LEU A 199 -11.66 7.38 8.54
CA LEU A 199 -12.87 6.59 8.35
C LEU A 199 -13.10 5.54 9.45
N GLY A 200 -12.28 5.57 10.50
CA GLY A 200 -12.50 4.67 11.60
C GLY A 200 -11.49 3.55 11.81
N ALA A 201 -10.61 3.33 10.85
CA ALA A 201 -9.54 2.34 11.04
C ALA A 201 -8.68 2.74 12.24
N ASP A 202 -8.10 1.76 12.93
CA ASP A 202 -7.26 2.04 14.09
C ASP A 202 -5.78 2.13 13.71
N ILE A 203 -5.39 1.39 12.69
CA ILE A 203 -3.99 1.31 12.31
C ILE A 203 -3.92 1.28 10.79
N VAL A 204 -2.99 2.04 10.20
CA VAL A 204 -2.75 1.98 8.76
C VAL A 204 -1.33 1.51 8.53
N VAL A 205 -1.13 0.66 7.52
CA VAL A 205 0.22 0.27 7.18
C VAL A 205 0.44 0.52 5.70
N HIS A 206 1.68 0.78 5.31
CA HIS A 206 2.04 0.95 3.92
C HIS A 206 3.32 0.22 3.61
N SER A 207 3.41 -0.30 2.39
CA SER A 207 4.72 -0.46 1.77
C SER A 207 5.09 0.91 1.18
N VAL A 208 6.13 1.56 1.69
CA VAL A 208 6.51 2.88 1.14
C VAL A 208 7.23 2.66 -0.17
N THR A 209 7.58 1.40 -0.39
CA THR A 209 8.19 0.95 -1.62
C THR A 209 7.42 1.43 -2.85
N LYS A 210 6.12 1.68 -2.68
CA LYS A 210 5.31 2.11 -3.81
C LYS A 210 5.22 3.64 -3.88
N TYR A 211 4.02 4.19 -3.84
CA TYR A 211 3.82 5.63 -4.03
C TYR A 211 4.46 6.58 -3.01
N ILE A 212 4.55 6.21 -1.75
CA ILE A 212 5.07 7.16 -0.76
C ILE A 212 6.50 7.58 -1.09
N ASN A 213 7.37 6.61 -1.36
CA ASN A 213 8.69 6.93 -1.88
C ASN A 213 8.60 7.29 -3.36
N GLY A 214 7.97 6.41 -4.15
CA GLY A 214 7.61 6.73 -5.52
C GLY A 214 8.69 6.60 -6.58
N HIS A 215 9.94 6.43 -6.17
CA HIS A 215 11.06 6.48 -7.10
C HIS A 215 11.71 5.12 -7.38
N GLY A 216 11.06 4.06 -6.92
CA GLY A 216 11.53 2.70 -7.16
C GLY A 216 12.94 2.36 -6.70
N ASP A 217 13.40 2.95 -5.62
CA ASP A 217 14.78 2.76 -5.17
C ASP A 217 14.83 2.56 -3.66
N VAL A 218 13.66 2.39 -3.06
CA VAL A 218 13.56 2.10 -1.64
C VAL A 218 12.58 0.96 -1.33
N ILE A 219 13.04 -0.01 -0.55
CA ILE A 219 12.14 -0.98 0.09
C ILE A 219 11.96 -0.56 1.54
N GLY A 220 10.73 -0.43 1.99
CA GLY A 220 10.48 0.06 3.36
C GLY A 220 8.99 0.04 3.67
N GLY A 221 8.62 0.24 4.95
CA GLY A 221 7.23 0.20 5.28
C GLY A 221 7.00 1.25 6.34
N ILE A 222 5.74 1.52 6.65
CA ILE A 222 5.42 2.46 7.72
C ILE A 222 4.13 2.03 8.39
N ILE A 223 4.01 2.31 9.70
CA ILE A 223 2.81 1.95 10.42
C ILE A 223 2.41 3.26 11.09
N VAL A 224 1.12 3.56 11.07
CA VAL A 224 0.58 4.75 11.73
C VAL A 224 -0.62 4.37 12.60
N GLY A 225 -0.70 4.96 13.79
CA GLY A 225 -1.80 4.62 14.67
C GLY A 225 -1.67 5.44 15.95
N LYS A 226 -2.39 5.03 17.00
CA LYS A 226 -2.31 5.70 18.30
C LYS A 226 -0.92 5.56 18.93
N GLN A 227 -0.53 6.55 19.72
CA GLN A 227 0.74 6.50 20.40
C GLN A 227 0.90 5.24 21.25
N GLU A 228 -0.19 4.81 21.90
CA GLU A 228 -0.13 3.68 22.82
C GLU A 228 0.24 2.43 22.05
N PHE A 229 -0.40 2.25 20.91
CA PHE A 229 -0.09 1.11 20.06
C PHE A 229 1.32 1.20 19.45
N ILE A 230 1.63 2.34 18.84
CA ILE A 230 2.95 2.51 18.20
C ILE A 230 4.12 2.27 19.14
N ASP A 231 4.02 2.74 20.39
CA ASP A 231 5.04 2.45 21.39
C ASP A 231 5.26 0.94 21.57
N GLN A 232 4.17 0.17 21.55
CA GLN A 232 4.28 -1.28 21.72
C GLN A 232 4.86 -1.89 20.45
N ALA A 233 4.43 -1.36 19.30
CA ALA A 233 4.96 -1.84 18.02
C ALA A 233 6.46 -1.59 17.96
N ARG A 234 6.91 -0.50 18.58
CA ARG A 234 8.32 -0.10 18.53
C ARG A 234 9.16 -0.84 19.57
N PHE A 235 8.76 -0.76 20.83
CA PHE A 235 9.59 -1.31 21.88
C PHE A 235 9.42 -2.82 22.09
N VAL A 236 8.39 -3.42 21.50
CA VAL A 236 8.25 -4.88 21.54
C VAL A 236 8.28 -5.48 20.15
N GLY A 237 7.42 -5.00 19.26
CA GLY A 237 7.34 -5.60 17.94
C GLY A 237 8.63 -5.52 17.13
N LEU A 238 9.17 -4.31 17.00
CA LEU A 238 10.42 -4.11 16.29
C LEU A 238 11.61 -4.59 17.09
N LYS A 239 11.70 -4.16 18.34
CA LYS A 239 12.84 -4.43 19.19
C LYS A 239 12.97 -5.89 19.59
N ASP A 240 11.84 -6.55 19.85
CA ASP A 240 11.85 -7.87 20.45
C ASP A 240 11.25 -8.96 19.57
N ILE A 241 10.80 -8.62 18.36
CA ILE A 241 10.21 -9.66 17.51
C ILE A 241 10.74 -9.71 16.06
N THR A 242 10.49 -8.67 15.27
CA THR A 242 10.87 -8.75 13.84
C THR A 242 12.26 -8.18 13.60
N GLY A 243 12.69 -7.23 14.42
CA GLY A 243 13.94 -6.52 14.20
C GLY A 243 13.97 -5.69 12.93
N GLY A 244 12.79 -5.37 12.38
CA GLY A 244 12.68 -4.74 11.08
C GLY A 244 12.90 -3.23 11.04
N MET A 246 14.12 0.35 9.79
CA MET A 246 14.48 1.10 8.59
C MET A 246 15.82 1.82 8.78
N SER A 247 16.70 1.69 7.79
CA SER A 247 17.98 2.38 7.81
C SER A 247 17.78 3.89 7.58
N PRO A 248 18.62 4.72 8.21
CA PRO A 248 18.43 6.18 8.14
C PRO A 248 18.54 6.70 6.72
N PHE A 249 19.39 6.10 5.89
CA PHE A 249 19.49 6.45 4.48
C PHE A 249 18.19 6.18 3.71
N ASN A 250 17.60 5.00 3.89
CA ASN A 250 16.27 4.74 3.37
C ASN A 250 15.22 5.73 3.84
N ALA A 251 15.28 6.11 5.11
CA ALA A 251 14.31 7.08 5.61
C ALA A 251 14.51 8.45 4.91
N TRP A 252 15.75 8.88 4.78
CA TRP A 252 16.07 10.11 4.05
C TRP A 252 15.57 10.08 2.61
N LEU A 253 15.84 8.98 1.90
CA LEU A 253 15.34 8.94 0.57
C LEU A 253 13.82 9.00 0.52
N THR A 254 13.17 8.36 1.48
CA THR A 254 11.71 8.30 1.51
C THR A 254 11.16 9.71 1.80
N LEU A 255 11.78 10.42 2.74
CA LEU A 255 11.41 11.82 2.95
C LEU A 255 11.56 12.62 1.64
N ARG A 256 12.63 12.37 0.91
CA ARG A 256 12.89 13.10 -0.31
C ARG A 256 11.82 12.79 -1.36
N GLY A 257 11.53 11.50 -1.52
CA GLY A 257 10.53 11.05 -2.47
C GLY A 257 9.14 11.59 -2.16
N VAL A 258 8.81 11.61 -0.87
CA VAL A 258 7.46 12.04 -0.43
C VAL A 258 7.19 13.54 -0.64
N LYS A 259 8.25 14.36 -0.72
CA LYS A 259 8.12 15.80 -1.04
C LYS A 259 7.24 16.03 -2.27
N THR A 260 7.35 15.14 -3.25
CA THR A 260 6.56 15.29 -4.48
C THR A 260 5.30 14.39 -4.52
N LEU A 261 4.89 13.84 -3.38
CA LEU A 261 3.74 12.95 -3.35
C LEU A 261 2.47 13.55 -3.99
N GLY A 262 2.13 14.78 -3.60
CA GLY A 262 0.95 15.44 -4.13
C GLY A 262 0.99 15.57 -5.64
N ILE A 263 2.07 16.14 -6.16
CA ILE A 263 2.17 16.33 -7.60
C ILE A 263 2.32 15.01 -8.36
N ARG A 264 2.96 14.02 -7.77
CA ARG A 264 3.07 12.72 -8.43
C ARG A 264 1.69 12.05 -8.50
N MET A 265 0.96 12.03 -7.39
CA MET A 265 -0.35 11.38 -7.37
C MET A 265 -1.31 12.05 -8.36
N GLU A 266 -1.29 13.38 -8.40
CA GLU A 266 -2.15 14.07 -9.36
C GLU A 266 -1.87 13.62 -10.78
N ARG A 267 -0.59 13.52 -11.13
CA ARG A 267 -0.23 13.19 -12.50
C ARG A 267 -0.44 11.71 -12.80
N HIS A 268 -0.16 10.86 -11.81
CA HIS A 268 -0.42 9.42 -11.97
C HIS A 268 -1.90 9.20 -12.27
N CYS A 269 -2.76 9.87 -11.50
CA CYS A 269 -4.21 9.72 -11.61
C CYS A 269 -4.75 10.31 -12.90
N GLU A 270 -4.20 11.45 -13.32
CA GLU A 270 -4.60 12.07 -14.57
C GLU A 270 -4.24 11.16 -15.75
N ASN A 271 -3.02 10.64 -15.72
CA ASN A 271 -2.57 9.75 -16.78
C ASN A 271 -3.36 8.45 -16.79
N ALA A 272 -3.58 7.88 -15.61
CA ALA A 272 -4.29 6.60 -15.52
C ALA A 272 -5.72 6.72 -16.05
N LEU A 273 -6.42 7.81 -15.73
CA LEU A 273 -7.78 8.00 -16.25
C LEU A 273 -7.79 8.01 -17.79
N LYS A 274 -6.87 8.74 -18.40
CA LYS A 274 -6.79 8.80 -19.85
C LYS A 274 -6.53 7.42 -20.46
N ILE A 275 -5.63 6.67 -19.84
CA ILE A 275 -5.27 5.35 -20.35
C ILE A 275 -6.44 4.39 -20.13
N ALA A 276 -7.09 4.50 -19.00
CA ALA A 276 -8.25 3.67 -18.69
C ALA A 276 -9.37 3.90 -19.71
N ARG A 277 -9.62 5.16 -20.06
CA ARG A 277 -10.65 5.47 -21.06
C ARG A 277 -10.26 4.93 -22.44
N PHE A 278 -8.99 5.08 -22.80
CA PHE A 278 -8.50 4.51 -24.06
C PHE A 278 -8.74 3.00 -24.11
N LEU A 279 -8.39 2.31 -23.03
CA LEU A 279 -8.54 0.87 -22.96
C LEU A 279 -10.02 0.46 -23.04
N GLU A 280 -10.87 1.20 -22.35
CA GLU A 280 -12.30 0.90 -22.37
C GLU A 280 -12.91 1.06 -23.76
N GLY A 281 -12.25 1.84 -24.61
CA GLY A 281 -12.77 2.13 -25.93
C GLY A 281 -12.21 1.16 -26.94
N HIS A 282 -11.32 0.29 -26.49
CA HIS A 282 -10.59 -0.58 -27.41
C HIS A 282 -11.22 -1.96 -27.58
N PRO A 283 -11.60 -2.30 -28.83
CA PRO A 283 -12.33 -3.55 -29.13
C PRO A 283 -11.58 -4.83 -28.82
N SER A 284 -10.26 -4.77 -28.67
CA SER A 284 -9.48 -5.95 -28.30
C SER A 284 -9.36 -6.13 -26.79
N ILE A 285 -9.91 -5.18 -26.03
CA ILE A 285 -9.86 -5.26 -24.58
C ILE A 285 -11.25 -5.62 -24.06
N THR A 286 -11.36 -6.78 -23.40
CA THR A 286 -12.67 -7.24 -22.92
C THR A 286 -13.15 -6.50 -21.66
N ARG A 287 -12.25 -6.24 -20.73
CA ARG A 287 -12.63 -5.57 -19.47
C ARG A 287 -11.54 -4.59 -19.03
N VAL A 288 -11.96 -3.55 -18.31
CA VAL A 288 -10.98 -2.63 -17.75
C VAL A 288 -11.40 -2.36 -16.32
N TYR A 289 -10.50 -2.59 -15.38
CA TYR A 289 -10.78 -2.38 -13.97
C TYR A 289 -10.06 -1.13 -13.49
N TYR A 290 -10.81 -0.07 -13.22
CA TYR A 290 -10.24 1.16 -12.72
C TYR A 290 -11.33 1.96 -12.04
N PRO A 291 -11.15 2.24 -10.74
CA PRO A 291 -12.19 2.89 -9.94
C PRO A 291 -12.69 4.20 -10.53
N GLY A 292 -11.90 4.80 -11.42
CA GLY A 292 -12.24 6.06 -12.03
C GLY A 292 -13.24 5.96 -13.15
N LEU A 293 -13.49 4.74 -13.62
CA LEU A 293 -14.52 4.50 -14.62
C LEU A 293 -15.89 4.24 -13.98
N SER A 294 -16.92 4.93 -14.47
CA SER A 294 -18.28 4.79 -13.95
C SER A 294 -18.77 3.34 -13.94
N SER A 295 -18.29 2.55 -14.89
CA SER A 295 -18.72 1.17 -15.02
C SER A 295 -18.22 0.26 -13.90
N HIS A 296 -17.38 0.82 -13.03
CA HIS A 296 -16.84 0.07 -11.89
C HIS A 296 -17.93 -0.25 -10.85
N PRO A 297 -18.00 -1.53 -10.44
CA PRO A 297 -19.02 -2.09 -9.54
C PRO A 297 -19.29 -1.30 -8.27
N GLN A 298 -18.27 -0.66 -7.72
CA GLN A 298 -18.43 0.08 -6.48
C GLN A 298 -18.06 1.54 -6.71
N TYR A 299 -18.43 2.05 -7.88
CA TYR A 299 -18.03 3.39 -8.31
C TYR A 299 -18.34 4.48 -7.29
N GLU A 300 -19.56 4.49 -6.76
CA GLU A 300 -19.98 5.55 -5.85
C GLU A 300 -19.25 5.50 -4.51
N LEU A 301 -19.08 4.29 -3.97
CA LEU A 301 -18.30 4.11 -2.76
C LEU A 301 -16.91 4.69 -2.97
N GLY A 302 -16.33 4.41 -4.13
CA GLY A 302 -15.01 4.93 -4.46
C GLY A 302 -14.99 6.44 -4.49
N GLN A 303 -16.07 7.03 -4.98
CA GLN A 303 -16.18 8.48 -5.04
C GLN A 303 -16.21 9.12 -3.65
N ARG A 304 -16.76 8.43 -2.66
CA ARG A 304 -16.86 8.97 -1.31
C ARG A 304 -15.61 8.71 -0.49
N GLN A 305 -14.96 7.59 -0.76
CA GLN A 305 -13.86 7.10 0.06
C GLN A 305 -12.48 7.55 -0.44
N MET A 306 -12.38 7.81 -1.74
CA MET A 306 -11.11 8.17 -2.38
C MET A 306 -11.16 9.54 -3.06
N SER A 307 -10.17 10.39 -2.78
CA SER A 307 -10.07 11.70 -3.42
CA SER A 307 -10.07 11.69 -3.41
C SER A 307 -9.78 11.57 -4.91
N LEU A 308 -9.03 10.53 -5.26
CA LEU A 308 -8.71 10.21 -6.65
C LEU A 308 -8.76 8.70 -6.83
N PRO A 309 -8.97 8.22 -8.06
CA PRO A 309 -9.09 6.79 -8.35
C PRO A 309 -7.77 6.01 -8.42
N GLY A 310 -6.63 6.69 -8.39
CA GLY A 310 -5.34 6.02 -8.29
C GLY A 310 -4.58 5.85 -9.60
N GLY A 311 -3.35 5.34 -9.53
CA GLY A 311 -2.54 5.17 -10.71
C GLY A 311 -2.50 3.76 -11.27
N ILE A 312 -3.17 2.83 -10.61
CA ILE A 312 -3.11 1.43 -11.00
C ILE A 312 -4.34 1.02 -11.81
N ILE A 313 -4.10 0.26 -12.86
CA ILE A 313 -5.17 -0.24 -13.72
C ILE A 313 -4.95 -1.72 -13.97
N SER A 314 -6.04 -2.49 -14.01
CA SER A 314 -5.98 -3.85 -14.53
C SER A 314 -6.90 -3.95 -15.72
N PHE A 315 -6.59 -4.84 -16.66
CA PHE A 315 -7.45 -5.04 -17.81
C PHE A 315 -7.26 -6.43 -18.40
N GLU A 316 -8.26 -6.90 -19.13
N GLU A 316 -8.25 -6.89 -19.16
CA GLU A 316 -8.16 -8.20 -19.78
CA GLU A 316 -8.17 -8.19 -19.78
C GLU A 316 -8.05 -8.01 -21.29
C GLU A 316 -8.07 -8.03 -21.29
N ILE A 317 -7.08 -8.69 -21.88
CA ILE A 317 -6.92 -8.65 -23.33
C ILE A 317 -7.60 -9.86 -23.95
N ALA A 318 -8.19 -9.65 -25.12
CA ALA A 318 -8.83 -10.71 -25.89
C ALA A 318 -7.82 -11.79 -26.23
N GLY A 319 -8.21 -13.06 -26.11
CA GLY A 319 -7.35 -14.15 -26.52
C GLY A 319 -6.55 -14.80 -25.41
N GLY A 320 -6.92 -14.50 -24.17
CA GLY A 320 -6.32 -15.15 -23.01
C GLY A 320 -4.81 -15.17 -22.87
N LEU A 321 -4.29 -16.34 -22.49
CA LEU A 321 -2.90 -16.48 -22.08
C LEU A 321 -1.90 -16.05 -23.16
N GLU A 322 -2.05 -16.58 -24.37
CA GLU A 322 -1.10 -16.27 -25.44
C GLU A 322 -1.15 -14.83 -25.92
N ALA A 323 -2.32 -14.23 -25.88
CA ALA A 323 -2.47 -12.82 -26.23
C ALA A 323 -1.77 -11.97 -25.17
N GLY A 324 -1.92 -12.37 -23.92
CA GLY A 324 -1.31 -11.64 -22.81
C GLY A 324 0.21 -11.66 -22.93
N ARG A 325 0.76 -12.84 -23.24
CA ARG A 325 2.18 -12.97 -23.48
C ARG A 325 2.63 -12.11 -24.67
N ARG A 326 1.90 -12.22 -25.78
CA ARG A 326 2.26 -11.45 -26.98
C ARG A 326 2.30 -9.95 -26.72
N MET A 327 1.33 -9.47 -25.95
CA MET A 327 1.20 -8.04 -25.70
C MET A 327 2.35 -7.52 -24.84
N ILE A 328 2.64 -8.20 -23.74
CA ILE A 328 3.76 -7.79 -22.90
C ILE A 328 5.11 -7.93 -23.62
N ASN A 329 5.24 -8.88 -24.54
CA ASN A 329 6.47 -9.00 -25.29
C ASN A 329 6.58 -7.97 -26.40
N SER A 330 5.53 -7.18 -26.58
CA SER A 330 5.49 -6.22 -27.67
C SER A 330 5.52 -4.75 -27.23
N VAL A 331 5.47 -4.48 -25.92
CA VAL A 331 5.59 -3.09 -25.48
C VAL A 331 7.04 -2.63 -25.65
N GLU A 332 7.23 -1.34 -25.93
CA GLU A 332 8.55 -0.78 -26.20
C GLU A 332 8.92 0.31 -25.19
N LEU A 333 7.91 0.83 -24.50
CA LEU A 333 8.13 1.91 -23.54
C LEU A 333 7.82 1.43 -22.13
N CYS A 334 6.64 0.82 -21.97
CA CYS A 334 6.28 0.19 -20.71
C CYS A 334 7.34 -0.85 -20.36
N LEU A 335 7.71 -0.92 -19.09
CA LEU A 335 8.69 -1.88 -18.62
C LEU A 335 8.06 -3.07 -17.90
N LEU A 336 8.54 -4.28 -18.21
CA LEU A 336 8.06 -5.49 -17.55
C LEU A 336 8.66 -5.66 -16.17
N ALA A 337 7.80 -5.69 -15.16
CA ALA A 337 8.27 -5.76 -13.78
C ALA A 337 7.08 -6.06 -12.87
N VAL A 338 7.35 -6.63 -11.70
CA VAL A 338 6.28 -6.95 -10.78
C VAL A 338 6.00 -5.82 -9.79
N SER A 339 6.82 -4.78 -9.83
CA SER A 339 6.62 -3.62 -8.95
C SER A 339 5.50 -2.72 -9.48
N LEU A 340 5.00 -1.83 -8.62
CA LEU A 340 4.06 -0.82 -9.05
C LEU A 340 4.28 0.42 -8.20
N GLY A 341 3.92 1.59 -8.72
CA GLY A 341 4.02 2.84 -7.96
C GLY A 341 5.29 3.64 -8.17
N ASP A 342 5.97 3.41 -9.29
CA ASP A 342 7.19 4.15 -9.64
C ASP A 342 6.89 5.28 -10.66
N THR A 343 7.93 6.04 -11.02
CA THR A 343 7.76 7.12 -12.00
C THR A 343 7.67 6.58 -13.42
N GLU A 344 8.22 5.39 -13.64
CA GLU A 344 8.13 4.74 -14.96
C GLU A 344 6.88 3.88 -15.02
N THR A 345 6.27 3.79 -16.19
CA THR A 345 5.11 2.92 -16.37
C THR A 345 5.56 1.47 -16.38
N LEU A 346 4.95 0.66 -15.51
CA LEU A 346 5.31 -0.73 -15.37
C LEU A 346 4.12 -1.64 -15.72
N ILE A 347 4.42 -2.79 -16.31
CA ILE A 347 3.36 -3.67 -16.77
C ILE A 347 3.72 -5.11 -16.45
N GLN A 348 2.71 -5.92 -16.18
CA GLN A 348 2.91 -7.34 -15.94
C GLN A 348 1.72 -8.19 -16.34
N HIS A 349 1.98 -9.46 -16.63
CA HIS A 349 0.96 -10.43 -17.00
C HIS A 349 1.06 -11.60 -16.04
N PRO A 350 0.37 -11.50 -14.90
CA PRO A 350 0.52 -12.47 -13.81
C PRO A 350 0.50 -13.94 -14.28
N ALA A 351 -0.42 -14.28 -15.18
CA ALA A 351 -0.60 -15.68 -15.56
C ALA A 351 0.63 -16.27 -16.26
N SER A 352 1.32 -15.48 -17.08
CA SER A 352 2.49 -15.96 -17.81
C SER A 352 3.78 -15.71 -17.05
N MET A 353 3.74 -14.78 -16.11
CA MET A 353 4.94 -14.38 -15.38
C MET A 353 4.95 -14.96 -13.98
N THR A 354 4.40 -14.20 -13.03
CA THR A 354 4.47 -14.53 -11.62
C THR A 354 3.69 -15.79 -11.21
N HIS A 355 2.59 -16.06 -11.89
CA HIS A 355 1.68 -17.12 -11.46
C HIS A 355 1.58 -18.31 -12.42
N SER A 356 2.55 -18.44 -13.32
CA SER A 356 2.58 -19.56 -14.25
C SER A 356 2.85 -20.91 -13.57
N PRO A 357 3.56 -20.89 -12.43
CA PRO A 357 3.70 -22.15 -11.67
C PRO A 357 2.40 -22.56 -10.97
N VAL A 358 1.36 -21.75 -11.11
CA VAL A 358 0.09 -22.01 -10.42
C VAL A 358 -0.94 -22.67 -11.35
N ALA A 359 -1.86 -23.42 -10.77
CA ALA A 359 -2.89 -24.13 -11.53
C ALA A 359 -3.93 -23.16 -12.10
N PRO A 360 -4.19 -23.26 -13.41
CA PRO A 360 -5.13 -22.38 -14.11
C PRO A 360 -6.43 -22.19 -13.33
N GLU A 361 -6.99 -23.28 -12.84
CA GLU A 361 -8.26 -23.23 -12.12
C GLU A 361 -8.10 -22.57 -10.75
N GLU A 362 -6.89 -22.64 -10.20
CA GLU A 362 -6.60 -22.03 -8.90
C GLU A 362 -6.36 -20.53 -9.04
N ARG A 363 -5.64 -20.14 -10.10
CA ARG A 363 -5.42 -18.74 -10.41
C ARG A 363 -6.75 -18.01 -10.50
N LEU A 364 -7.72 -18.67 -11.14
CA LEU A 364 -9.05 -18.10 -11.32
C LEU A 364 -9.74 -17.82 -9.99
N LYS A 365 -9.47 -18.65 -8.99
CA LYS A 365 -10.07 -18.46 -7.68
C LYS A 365 -9.37 -17.32 -6.96
N ALA A 366 -8.30 -16.83 -7.56
CA ALA A 366 -7.59 -15.66 -7.04
C ALA A 366 -8.03 -14.41 -7.80
N GLY A 367 -8.76 -14.61 -8.89
CA GLY A 367 -9.21 -13.51 -9.72
C GLY A 367 -8.22 -13.22 -10.83
N ILE A 368 -7.29 -14.15 -11.04
CA ILE A 368 -6.29 -14.00 -12.08
C ILE A 368 -6.67 -14.80 -13.31
N THR A 369 -7.26 -14.14 -14.30
CA THR A 369 -7.61 -14.80 -15.55
C THR A 369 -6.40 -14.83 -16.46
N ASP A 370 -6.44 -15.69 -17.48
CA ASP A 370 -5.29 -15.83 -18.35
C ASP A 370 -4.94 -14.54 -19.11
N GLY A 371 -5.94 -13.69 -19.35
CA GLY A 371 -5.73 -12.47 -20.11
C GLY A 371 -5.52 -11.22 -19.27
N LEU A 372 -5.48 -11.38 -17.95
CA LEU A 372 -5.37 -10.22 -17.05
C LEU A 372 -3.98 -9.59 -17.14
N ILE A 373 -3.95 -8.28 -17.39
CA ILE A 373 -2.70 -7.52 -17.41
C ILE A 373 -2.83 -6.48 -16.30
N ARG A 374 -1.75 -6.23 -15.56
CA ARG A 374 -1.75 -5.17 -14.55
C ARG A 374 -0.80 -4.06 -14.98
N LEU A 375 -1.22 -2.81 -14.83
CA LEU A 375 -0.48 -1.67 -15.32
C LEU A 375 -0.34 -0.62 -14.22
N SER A 376 0.90 -0.21 -13.95
CA SER A 376 1.17 0.90 -13.05
C SER A 376 1.52 2.10 -13.93
N VAL A 377 0.64 3.07 -13.99
CA VAL A 377 0.82 4.20 -14.89
C VAL A 377 1.78 5.24 -14.32
N GLY A 378 2.84 5.55 -15.07
CA GLY A 378 3.88 6.47 -14.61
C GLY A 378 3.70 7.92 -15.06
N LEU A 379 4.80 8.66 -15.08
CA LEU A 379 4.75 10.09 -15.33
C LEU A 379 5.07 10.51 -16.77
N GLU A 380 5.19 9.52 -17.67
CA GLU A 380 5.47 9.81 -19.07
C GLU A 380 4.29 10.56 -19.67
N ASP A 381 4.45 11.09 -20.88
CA ASP A 381 3.29 11.63 -21.58
C ASP A 381 2.31 10.50 -21.86
N PRO A 382 1.06 10.67 -21.44
CA PRO A 382 0.03 9.63 -21.61
C PRO A 382 -0.12 9.23 -23.07
N GLU A 383 0.04 10.17 -23.98
CA GLU A 383 0.00 9.88 -25.41
C GLU A 383 1.04 8.82 -25.79
N ASP A 384 2.24 8.91 -25.23
CA ASP A 384 3.26 7.93 -25.53
C ASP A 384 2.91 6.54 -24.97
N ILE A 385 2.40 6.51 -23.74
CA ILE A 385 1.97 5.24 -23.16
C ILE A 385 0.84 4.61 -23.99
N ILE A 386 -0.12 5.43 -24.38
CA ILE A 386 -1.28 4.94 -25.13
C ILE A 386 -0.81 4.40 -26.47
N ASN A 387 0.10 5.13 -27.12
CA ASN A 387 0.65 4.66 -28.39
C ASN A 387 1.37 3.33 -28.23
N ASP A 388 2.12 3.18 -27.14
CA ASP A 388 2.84 1.94 -26.88
C ASP A 388 1.85 0.78 -26.66
N LEU A 389 0.84 1.04 -25.82
CA LEU A 389 -0.21 0.04 -25.56
C LEU A 389 -0.93 -0.34 -26.85
N GLU A 390 -1.36 0.68 -27.58
CA GLU A 390 -2.11 0.48 -28.82
C GLU A 390 -1.33 -0.40 -29.78
N HIS A 391 -0.05 -0.11 -29.90
CA HIS A 391 0.86 -0.88 -30.75
C HIS A 391 1.00 -2.33 -30.28
N ALA A 392 1.21 -2.51 -28.98
CA ALA A 392 1.37 -3.86 -28.43
C ALA A 392 0.06 -4.66 -28.54
N ILE A 393 -1.06 -4.02 -28.22
CA ILE A 393 -2.35 -4.69 -28.29
C ILE A 393 -2.63 -5.17 -29.71
N ARG A 394 -2.44 -4.28 -30.67
CA ARG A 394 -2.68 -4.58 -32.08
C ARG A 394 -1.85 -5.76 -32.52
N LYS A 395 -0.56 -5.75 -32.17
CA LYS A 395 0.32 -6.88 -32.48
C LYS A 395 -0.16 -8.16 -31.82
N ALA A 396 -0.64 -8.04 -30.58
CA ALA A 396 -1.01 -9.21 -29.80
C ALA A 396 -2.32 -9.84 -30.28
N THR A 397 -3.17 -9.05 -30.92
CA THR A 397 -4.54 -9.48 -31.18
C THR A 397 -4.81 -9.56 -32.69
N PHE A 398 -3.75 -9.71 -33.47
CA PHE A 398 -3.87 -9.72 -34.93
C PHE A 398 -4.47 -8.41 -35.44
#